data_9IME
#
_entry.id   9IME
#
_cell.length_a   32.245
_cell.length_b   52.720
_cell.length_c   72.885
_cell.angle_alpha   90.000
_cell.angle_beta   97.600
_cell.angle_gamma   90.000
#
_symmetry.space_group_name_H-M   'P 1 21 1'
#
loop_
_entity.id
_entity.type
_entity.pdbx_description
1 polymer 'Pilin (Bacterial filament) subfamily'
2 non-polymer GLYCEROL
3 non-polymer 'SULFATE ION'
4 non-polymer 'BROMIDE ION'
5 water water
#
_entity_poly.entity_id   1
_entity_poly.type   'polypeptide(L)'
_entity_poly.pdbx_seq_one_letter_code
;GSAYQDYLARSRVGEGLALAASARLAVAENAASGNGFSGGYVSPPATRNVESIRIDDDTGQIAIAFTARVAAAGANTLVL
VPSVPDQADTPTARVALSKGVIQAGTITWECFAGDKASSSLPAPGAGPMPTDAPTLAGKLAPPECRA
;
_entity_poly.pdbx_strand_id   A,B
#
loop_
_chem_comp.id
_chem_comp.type
_chem_comp.name
_chem_comp.formula
BR non-polymer 'BROMIDE ION' 'Br -1'
GOL non-polymer GLYCEROL 'C3 H8 O3'
SO4 non-polymer 'SULFATE ION' 'O4 S -2'
#
# COMPACT_ATOMS: atom_id res chain seq x y z
N SER A 2 3.67 -26.89 -15.34
CA SER A 2 4.53 -27.62 -14.43
C SER A 2 4.60 -26.98 -13.05
N ALA A 3 4.94 -27.77 -12.02
CA ALA A 3 5.06 -27.22 -10.68
C ALA A 3 6.10 -26.11 -10.62
N TYR A 4 7.23 -26.29 -11.31
CA TYR A 4 8.27 -25.27 -11.32
C TYR A 4 7.77 -24.00 -12.00
N GLN A 5 7.06 -24.16 -13.14
CA GLN A 5 6.49 -23.00 -13.82
C GLN A 5 5.45 -22.31 -12.95
N ASP A 6 4.63 -23.09 -12.23
CA ASP A 6 3.69 -22.50 -11.29
C ASP A 6 4.41 -21.66 -10.24
N TYR A 7 5.54 -22.16 -9.74
CA TYR A 7 6.30 -21.41 -8.74
C TYR A 7 6.73 -20.04 -9.27
N LEU A 8 7.27 -20.01 -10.48
CA LEU A 8 7.72 -18.74 -11.05
C LEU A 8 6.55 -17.77 -11.13
N ALA A 9 5.42 -18.24 -11.65
CA ALA A 9 4.27 -17.35 -11.82
C ALA A 9 3.72 -16.90 -10.47
N ARG A 10 3.56 -17.82 -9.53
CA ARG A 10 2.95 -17.46 -8.24
C ARG A 10 3.79 -16.42 -7.52
N SER A 11 5.12 -16.56 -7.55
N SER A 11 5.11 -16.55 -7.55
CA SER A 11 5.99 -15.57 -6.92
CA SER A 11 5.98 -15.57 -6.91
C SER A 11 5.81 -14.20 -7.54
C SER A 11 5.77 -14.20 -7.54
N ARG A 12 5.68 -14.14 -8.87
CA ARG A 12 5.54 -12.86 -9.55
C ARG A 12 4.14 -12.27 -9.33
N VAL A 13 3.12 -13.13 -9.26
CA VAL A 13 1.78 -12.63 -8.98
C VAL A 13 1.70 -12.09 -7.56
N GLY A 14 2.35 -12.76 -6.61
CA GLY A 14 2.40 -12.23 -5.25
C GLY A 14 3.04 -10.85 -5.19
N GLU A 15 4.07 -10.63 -6.00
CA GLU A 15 4.70 -9.32 -6.05
C GLU A 15 3.73 -8.27 -6.60
N GLY A 16 2.95 -8.63 -7.61
CA GLY A 16 1.97 -7.69 -8.13
C GLY A 16 0.91 -7.34 -7.09
N LEU A 17 0.44 -8.34 -6.35
CA LEU A 17 -0.52 -8.07 -5.29
C LEU A 17 0.06 -7.13 -4.25
N ALA A 18 1.34 -7.31 -3.93
CA ALA A 18 1.95 -6.43 -2.96
C ALA A 18 2.10 -5.01 -3.52
N LEU A 19 2.48 -4.87 -4.79
CA LEU A 19 2.55 -3.54 -5.39
C LEU A 19 1.20 -2.84 -5.42
N ALA A 20 0.12 -3.61 -5.47
CA ALA A 20 -1.22 -3.05 -5.46
C ALA A 20 -1.62 -2.48 -4.10
N ALA A 21 -0.79 -2.63 -3.07
CA ALA A 21 -1.07 -1.95 -1.81
C ALA A 21 -1.22 -0.45 -2.03
N SER A 22 -0.47 0.11 -2.97
N SER A 22 -0.47 0.11 -2.96
CA SER A 22 -0.60 1.52 -3.31
CA SER A 22 -0.61 1.53 -3.28
C SER A 22 -2.01 1.86 -3.71
C SER A 22 -2.03 1.87 -3.71
N ALA A 23 -2.65 0.99 -4.51
CA ALA A 23 -4.02 1.22 -4.92
C ALA A 23 -4.99 1.00 -3.78
N ARG A 24 -4.74 0.01 -2.91
CA ARG A 24 -5.63 -0.20 -1.78
C ARG A 24 -5.63 1.03 -0.86
N LEU A 25 -4.47 1.65 -0.68
CA LEU A 25 -4.38 2.87 0.11
C LEU A 25 -5.11 4.01 -0.55
N ALA A 26 -4.93 4.19 -1.87
CA ALA A 26 -5.63 5.27 -2.56
C ALA A 26 -7.14 5.10 -2.45
N VAL A 27 -7.64 3.88 -2.62
CA VAL A 27 -9.07 3.65 -2.47
C VAL A 27 -9.52 4.00 -1.07
N ALA A 28 -8.75 3.62 -0.06
CA ALA A 28 -9.12 3.94 1.31
C ALA A 28 -9.13 5.45 1.55
N GLU A 29 -8.14 6.16 1.02
CA GLU A 29 -8.09 7.61 1.19
C GLU A 29 -9.25 8.29 0.49
N ASN A 30 -9.59 7.82 -0.71
CA ASN A 30 -10.71 8.42 -1.44
C ASN A 30 -12.03 8.07 -0.76
N ALA A 31 -12.16 6.84 -0.26
CA ALA A 31 -13.36 6.49 0.49
C ALA A 31 -13.53 7.39 1.71
N ALA A 32 -12.43 7.69 2.42
CA ALA A 32 -12.48 8.53 3.62
C ALA A 32 -12.88 9.96 3.31
N SER A 33 -12.71 10.42 2.06
CA SER A 33 -13.05 11.78 1.68
C SER A 33 -14.29 11.85 0.80
N GLY A 34 -14.93 10.73 0.50
CA GLY A 34 -16.08 10.71 -0.39
C GLY A 34 -15.75 11.04 -1.83
N ASN A 35 -14.53 10.73 -2.26
CA ASN A 35 -14.06 11.03 -3.61
C ASN A 35 -14.15 9.78 -4.48
N GLY A 36 -14.16 9.99 -5.80
CA GLY A 36 -14.03 8.87 -6.71
C GLY A 36 -12.82 8.03 -6.35
N PHE A 37 -12.94 6.71 -6.45
CA PHE A 37 -11.96 5.85 -5.80
C PHE A 37 -10.60 5.85 -6.45
N SER A 38 -10.51 6.24 -7.72
CA SER A 38 -9.22 6.30 -8.41
C SER A 38 -8.60 7.70 -8.37
N GLY A 39 -9.28 8.66 -7.77
CA GLY A 39 -8.83 10.03 -7.85
C GLY A 39 -7.45 10.22 -7.27
N GLY A 40 -6.54 10.81 -8.06
CA GLY A 40 -5.20 11.08 -7.62
C GLY A 40 -4.26 9.88 -7.58
N TYR A 41 -4.73 8.69 -7.92
CA TYR A 41 -3.86 7.52 -7.84
C TYR A 41 -2.90 7.49 -9.02
N VAL A 42 -1.61 7.36 -8.69
CA VAL A 42 -0.55 7.21 -9.67
C VAL A 42 0.07 5.85 -9.40
N SER A 43 -0.11 4.91 -10.33
CA SER A 43 0.41 3.58 -10.12
C SER A 43 1.94 3.58 -10.18
N PRO A 44 2.58 2.59 -9.55
CA PRO A 44 4.04 2.51 -9.60
C PRO A 44 4.51 2.19 -11.01
N PRO A 45 5.80 2.33 -11.28
CA PRO A 45 6.29 2.02 -12.62
C PRO A 45 5.96 0.58 -13.00
N ALA A 46 5.72 0.38 -14.29
CA ALA A 46 5.60 -0.98 -14.79
C ALA A 46 6.91 -1.73 -14.52
N THR A 47 6.79 -3.02 -14.25
CA THR A 47 7.94 -3.87 -14.00
C THR A 47 7.99 -4.96 -15.05
N ARG A 48 9.01 -5.80 -14.99
CA ARG A 48 9.07 -6.93 -15.91
C ARG A 48 7.87 -7.85 -15.74
N ASN A 49 7.21 -7.82 -14.58
CA ASN A 49 6.12 -8.74 -14.29
C ASN A 49 4.75 -8.09 -14.27
N VAL A 50 4.66 -6.80 -13.93
CA VAL A 50 3.37 -6.11 -13.76
C VAL A 50 3.25 -5.05 -14.84
N GLU A 51 2.26 -5.22 -15.71
CA GLU A 51 2.00 -4.27 -16.79
C GLU A 51 1.26 -3.04 -16.28
N SER A 52 0.26 -3.20 -15.42
CA SER A 52 -0.48 -2.05 -14.94
C SER A 52 -1.27 -2.44 -13.69
N ILE A 53 -1.58 -1.43 -12.88
CA ILE A 53 -2.50 -1.52 -11.77
C ILE A 53 -3.46 -0.36 -11.91
N ARG A 54 -4.76 -0.65 -11.93
CA ARG A 54 -5.76 0.40 -12.11
C ARG A 54 -6.89 0.22 -11.10
N ILE A 55 -7.56 1.34 -10.82
CA ILE A 55 -8.68 1.38 -9.89
C ILE A 55 -9.93 1.78 -10.65
N ASP A 56 -11.02 1.05 -10.43
CA ASP A 56 -12.33 1.44 -10.93
C ASP A 56 -12.85 2.59 -10.07
N ASP A 57 -13.08 3.75 -10.71
CA ASP A 57 -13.45 4.94 -9.96
C ASP A 57 -14.80 4.80 -9.25
N ASP A 58 -15.68 3.93 -9.76
CA ASP A 58 -17.02 3.78 -9.20
C ASP A 58 -17.14 2.76 -8.10
N THR A 59 -16.35 1.69 -8.14
CA THR A 59 -16.46 0.61 -7.16
C THR A 59 -15.23 0.42 -6.31
N GLY A 60 -14.08 0.98 -6.70
CA GLY A 60 -12.84 0.73 -5.99
C GLY A 60 -12.15 -0.57 -6.35
N GLN A 61 -12.73 -1.38 -7.25
CA GLN A 61 -12.06 -2.60 -7.66
C GLN A 61 -10.69 -2.27 -8.23
N ILE A 62 -9.71 -3.11 -7.90
CA ILE A 62 -8.35 -2.97 -8.41
C ILE A 62 -8.13 -4.09 -9.41
N ALA A 63 -7.62 -3.74 -10.59
CA ALA A 63 -7.27 -4.72 -11.60
C ALA A 63 -5.76 -4.68 -11.80
N ILE A 64 -5.11 -5.84 -11.67
CA ILE A 64 -3.66 -5.98 -11.87
C ILE A 64 -3.47 -6.79 -13.13
N ALA A 65 -2.78 -6.23 -14.11
CA ALA A 65 -2.49 -6.92 -15.36
C ALA A 65 -1.02 -7.33 -15.37
N PHE A 66 -0.77 -8.60 -15.61
CA PHE A 66 0.59 -9.13 -15.61
C PHE A 66 1.13 -9.25 -17.03
N THR A 67 2.45 -9.21 -17.13
CA THR A 67 3.10 -9.32 -18.43
C THR A 67 3.16 -10.78 -18.88
N ALA A 68 3.63 -10.96 -20.12
CA ALA A 68 3.71 -12.29 -20.72
C ALA A 68 4.70 -13.19 -20.00
N ARG A 69 5.59 -12.64 -19.18
CA ARG A 69 6.45 -13.48 -18.34
C ARG A 69 5.63 -14.30 -17.38
N VAL A 70 4.44 -13.82 -17.04
CA VAL A 70 3.56 -14.46 -16.07
C VAL A 70 2.46 -15.25 -16.74
N ALA A 71 1.77 -14.64 -17.70
CA ALA A 71 0.57 -15.23 -18.28
C ALA A 71 0.29 -14.56 -19.61
N ALA A 72 -0.39 -15.27 -20.49
CA ALA A 72 -0.67 -14.72 -21.81
C ALA A 72 -1.63 -13.55 -21.72
N ALA A 73 -1.55 -12.65 -22.69
CA ALA A 73 -2.52 -11.57 -22.79
C ALA A 73 -3.92 -12.15 -22.91
N GLY A 74 -4.89 -11.45 -22.33
CA GLY A 74 -6.23 -11.98 -22.25
C GLY A 74 -6.43 -13.05 -21.19
N ALA A 75 -5.37 -13.48 -20.52
CA ALA A 75 -5.45 -14.41 -19.39
C ALA A 75 -4.53 -13.94 -18.27
N ASN A 76 -4.43 -12.62 -18.07
CA ASN A 76 -3.36 -12.06 -17.28
C ASN A 76 -3.81 -11.09 -16.20
N THR A 77 -5.10 -10.99 -15.92
N THR A 77 -5.10 -11.01 -15.87
CA THR A 77 -5.59 -10.02 -14.94
CA THR A 77 -5.60 -9.98 -14.97
C THR A 77 -6.08 -10.70 -13.68
C THR A 77 -6.22 -10.57 -13.71
N LEU A 78 -5.79 -10.07 -12.56
CA LEU A 78 -6.31 -10.48 -11.27
C LEU A 78 -7.04 -9.26 -10.70
N VAL A 79 -8.13 -9.48 -9.96
CA VAL A 79 -8.88 -8.36 -9.42
C VAL A 79 -9.01 -8.47 -7.91
N LEU A 80 -8.99 -7.31 -7.26
CA LEU A 80 -9.29 -7.20 -5.83
C LEU A 80 -10.55 -6.37 -5.66
N VAL A 81 -11.50 -6.88 -4.90
CA VAL A 81 -12.81 -6.24 -4.72
C VAL A 81 -12.93 -5.76 -3.29
N PRO A 82 -13.20 -4.48 -3.06
CA PRO A 82 -13.36 -3.97 -1.69
C PRO A 82 -14.81 -3.98 -1.25
N SER A 83 -14.98 -4.16 0.07
CA SER A 83 -16.31 -4.09 0.65
C SER A 83 -16.21 -3.60 2.08
N VAL A 84 -17.35 -3.16 2.61
CA VAL A 84 -17.45 -2.73 4.02
C VAL A 84 -18.66 -3.40 4.62
N PRO A 85 -18.71 -3.50 5.96
N PRO A 85 -18.69 -3.53 5.96
CA PRO A 85 -19.91 -4.07 6.59
CA PRO A 85 -19.89 -4.05 6.61
C PRO A 85 -21.07 -3.12 6.38
C PRO A 85 -21.07 -3.12 6.39
N ASP A 86 -22.29 -3.69 6.39
CA ASP A 86 -23.48 -2.87 6.25
C ASP A 86 -23.66 -1.93 7.43
N GLN A 87 -23.12 -2.32 8.59
CA GLN A 87 -23.05 -1.50 9.79
C GLN A 87 -21.86 -2.02 10.59
N ALA A 88 -21.15 -1.11 11.26
CA ALA A 88 -19.89 -1.50 11.89
C ALA A 88 -20.11 -2.43 13.07
N ASP A 89 -21.16 -2.19 13.83
CA ASP A 89 -21.44 -3.00 15.02
C ASP A 89 -22.35 -4.15 14.66
N THR A 90 -21.85 -5.37 14.86
CA THR A 90 -22.51 -6.63 14.54
C THR A 90 -23.16 -6.56 13.16
N PRO A 91 -22.37 -6.53 12.08
CA PRO A 91 -22.95 -6.49 10.74
C PRO A 91 -23.71 -7.76 10.41
N THR A 92 -24.66 -7.61 9.50
CA THR A 92 -25.35 -8.75 8.93
C THR A 92 -24.97 -9.05 7.49
N ALA A 93 -24.17 -8.18 6.85
CA ALA A 93 -23.80 -8.37 5.45
C ALA A 93 -22.63 -7.45 5.13
N ARG A 94 -21.99 -7.72 3.98
CA ARG A 94 -21.02 -6.83 3.37
C ARG A 94 -21.67 -6.14 2.17
N VAL A 95 -21.22 -4.91 1.91
CA VAL A 95 -21.72 -4.13 0.77
C VAL A 95 -20.56 -3.53 -0.01
N ALA A 96 -20.82 -3.30 -1.30
CA ALA A 96 -19.86 -2.57 -2.12
C ALA A 96 -19.69 -1.16 -1.59
N LEU A 97 -18.55 -0.56 -1.93
CA LEU A 97 -18.33 0.83 -1.58
C LEU A 97 -19.33 1.71 -2.31
N SER A 98 -19.60 2.90 -1.73
CA SER A 98 -20.54 3.87 -2.29
C SER A 98 -19.79 5.13 -2.69
N LYS A 99 -19.67 5.35 -4.00
CA LYS A 99 -18.95 6.52 -4.49
C LYS A 99 -19.61 7.79 -4.00
N GLY A 100 -18.82 8.68 -3.39
CA GLY A 100 -19.29 9.95 -2.90
C GLY A 100 -19.63 9.98 -1.43
N VAL A 101 -19.61 8.85 -0.76
CA VAL A 101 -19.97 8.77 0.65
C VAL A 101 -18.70 8.70 1.49
N ILE A 102 -18.68 9.41 2.62
CA ILE A 102 -17.52 9.38 3.51
C ILE A 102 -17.55 8.04 4.24
N GLN A 103 -16.56 7.19 3.95
CA GLN A 103 -16.50 5.84 4.50
C GLN A 103 -15.08 5.64 5.02
N ALA A 104 -14.90 5.70 6.33
CA ALA A 104 -13.56 5.66 6.92
C ALA A 104 -13.22 4.36 7.63
N GLY A 105 -14.15 3.41 7.70
CA GLY A 105 -13.89 2.15 8.38
C GLY A 105 -12.98 1.24 7.57
N THR A 106 -12.69 0.08 8.15
CA THR A 106 -11.79 -0.87 7.50
C THR A 106 -12.45 -1.46 6.25
N ILE A 107 -11.70 -1.49 5.17
CA ILE A 107 -12.16 -2.09 3.92
C ILE A 107 -11.59 -3.49 3.83
N THR A 108 -12.44 -4.46 3.48
CA THR A 108 -11.99 -5.82 3.25
C THR A 108 -11.80 -6.00 1.75
N TRP A 109 -10.68 -6.59 1.37
CA TRP A 109 -10.35 -6.82 -0.03
C TRP A 109 -10.38 -8.31 -0.30
N GLU A 110 -11.13 -8.70 -1.32
CA GLU A 110 -11.19 -10.10 -1.73
C GLU A 110 -10.56 -10.24 -3.11
N CYS A 111 -9.69 -11.23 -3.26
CA CYS A 111 -9.00 -11.48 -4.52
C CYS A 111 -9.80 -12.48 -5.35
N PHE A 112 -9.91 -12.19 -6.64
CA PHE A 112 -10.57 -13.11 -7.58
C PHE A 112 -9.64 -13.37 -8.76
N ALA A 113 -9.33 -14.64 -8.96
CA ALA A 113 -8.75 -15.09 -10.21
C ALA A 113 -9.86 -15.53 -11.16
N GLY A 114 -9.48 -15.91 -12.38
CA GLY A 114 -10.44 -16.15 -13.44
C GLY A 114 -11.42 -17.29 -13.16
N ASP A 115 -11.05 -18.25 -12.33
CA ASP A 115 -11.88 -19.42 -12.04
C ASP A 115 -12.79 -19.25 -10.84
N LYS A 116 -12.73 -18.12 -10.13
CA LYS A 116 -13.43 -17.98 -8.86
C LYS A 116 -14.83 -17.42 -9.11
N ALA A 117 -15.84 -18.25 -8.89
CA ALA A 117 -17.20 -17.95 -9.35
C ALA A 117 -18.10 -17.37 -8.28
N SER A 118 -17.61 -17.24 -7.05
CA SER A 118 -18.42 -16.67 -5.98
C SER A 118 -17.49 -16.13 -4.91
N SER A 119 -18.01 -15.18 -4.14
CA SER A 119 -17.26 -14.67 -3.01
C SER A 119 -17.20 -15.71 -1.90
N SER A 120 -16.06 -15.77 -1.23
N SER A 120 -16.05 -15.78 -1.23
CA SER A 120 -15.85 -16.69 -0.12
CA SER A 120 -15.86 -16.71 -0.11
C SER A 120 -15.16 -15.89 0.97
C SER A 120 -15.16 -15.94 1.00
N LEU A 121 -15.95 -15.34 1.88
CA LEU A 121 -15.44 -14.56 3.00
C LEU A 121 -16.07 -15.05 4.29
N PRO A 122 -15.41 -14.82 5.41
CA PRO A 122 -16.04 -15.14 6.70
C PRO A 122 -17.19 -14.19 7.02
N ALA A 123 -17.84 -14.41 8.15
CA ALA A 123 -18.90 -13.53 8.59
C ALA A 123 -18.41 -12.08 8.55
N PRO A 124 -19.24 -11.12 8.14
CA PRO A 124 -20.69 -11.23 7.87
C PRO A 124 -21.04 -11.70 6.47
N GLY A 125 -20.14 -12.37 5.75
CA GLY A 125 -20.57 -13.14 4.60
C GLY A 125 -20.00 -12.69 3.28
N ALA A 126 -20.70 -13.02 2.21
CA ALA A 126 -20.21 -12.77 0.85
C ALA A 126 -20.01 -11.28 0.60
N GLY A 127 -18.92 -10.97 -0.10
CA GLY A 127 -18.71 -9.64 -0.63
C GLY A 127 -19.14 -9.59 -2.07
N PRO A 128 -19.00 -8.43 -2.70
CA PRO A 128 -19.38 -8.28 -4.11
C PRO A 128 -18.48 -9.09 -5.03
N MET A 129 -19.03 -9.37 -6.20
CA MET A 129 -18.28 -10.00 -7.27
C MET A 129 -17.52 -8.95 -8.05
N PRO A 130 -16.51 -9.37 -8.83
CA PRO A 130 -15.81 -8.42 -9.71
C PRO A 130 -16.74 -7.61 -10.59
N THR A 131 -16.34 -6.37 -10.85
CA THR A 131 -16.95 -5.56 -11.90
C THR A 131 -16.46 -5.98 -13.27
N ASP A 132 -15.14 -6.06 -13.42
CA ASP A 132 -14.53 -6.54 -14.66
C ASP A 132 -13.99 -7.91 -14.33
N ALA A 133 -14.30 -8.91 -15.14
CA ALA A 133 -13.92 -10.28 -14.81
C ALA A 133 -12.40 -10.43 -14.87
N PRO A 134 -11.79 -11.05 -13.85
CA PRO A 134 -10.37 -11.40 -13.97
C PRO A 134 -10.23 -12.54 -14.95
N THR A 135 -9.01 -12.65 -15.49
CA THR A 135 -8.71 -13.68 -16.48
C THR A 135 -7.51 -14.54 -16.11
N LEU A 136 -6.75 -14.21 -15.06
CA LEU A 136 -5.59 -15.00 -14.69
C LEU A 136 -6.03 -16.35 -14.15
N ALA A 137 -5.37 -17.41 -14.60
CA ALA A 137 -5.71 -18.73 -14.11
C ALA A 137 -5.46 -18.81 -12.61
N GLY A 138 -6.42 -19.36 -11.87
CA GLY A 138 -6.28 -19.46 -10.44
C GLY A 138 -5.02 -20.19 -9.99
N LYS A 139 -4.57 -21.17 -10.76
CA LYS A 139 -3.40 -21.93 -10.37
C LYS A 139 -2.13 -21.09 -10.33
N LEU A 140 -2.15 -19.90 -10.94
CA LEU A 140 -1.00 -19.02 -10.95
C LEU A 140 -1.06 -17.97 -9.84
N ALA A 141 -2.14 -17.95 -9.08
CA ALA A 141 -2.40 -16.92 -8.07
C ALA A 141 -2.35 -17.56 -6.69
N PRO A 142 -2.24 -16.74 -5.63
CA PRO A 142 -2.30 -17.29 -4.29
C PRO A 142 -3.61 -18.02 -4.06
N PRO A 143 -3.64 -18.95 -3.12
CA PRO A 143 -4.85 -19.78 -2.94
C PRO A 143 -6.10 -19.01 -2.59
N GLU A 144 -5.99 -17.87 -1.90
CA GLU A 144 -7.16 -17.09 -1.57
C GLU A 144 -7.86 -16.48 -2.78
N CYS A 145 -7.24 -16.54 -3.97
CA CYS A 145 -7.82 -16.01 -5.19
C CYS A 145 -8.58 -17.06 -6.00
N ARG A 146 -8.49 -18.33 -5.62
CA ARG A 146 -8.95 -19.43 -6.46
C ARG A 146 -10.37 -19.86 -6.10
N ALA A 147 -10.96 -20.61 -7.02
CA ALA A 147 -12.25 -21.26 -6.77
C ALA A 147 -12.14 -22.21 -5.58
N SER B 2 25.68 8.17 -12.75
CA SER B 2 25.15 8.17 -14.11
C SER B 2 23.67 8.55 -14.13
N ALA B 3 23.30 9.46 -15.04
CA ALA B 3 21.91 9.91 -15.12
C ALA B 3 20.95 8.76 -15.39
N TYR B 4 21.30 7.87 -16.32
CA TYR B 4 20.44 6.73 -16.60
C TYR B 4 20.33 5.81 -15.39
N GLN B 5 21.45 5.50 -14.74
CA GLN B 5 21.40 4.61 -13.59
C GLN B 5 20.57 5.22 -12.46
N ASP B 6 20.72 6.53 -12.23
CA ASP B 6 19.91 7.22 -11.23
C ASP B 6 18.42 7.12 -11.57
N TYR B 7 18.08 7.27 -12.86
CA TYR B 7 16.69 7.15 -13.28
C TYR B 7 16.17 5.75 -13.03
N LEU B 8 16.98 4.73 -13.33
CA LEU B 8 16.57 3.36 -13.06
C LEU B 8 16.40 3.13 -11.56
N ALA B 9 17.33 3.67 -10.76
CA ALA B 9 17.22 3.53 -9.32
C ALA B 9 15.95 4.19 -8.80
N ARG B 10 15.64 5.41 -9.28
CA ARG B 10 14.45 6.11 -8.81
C ARG B 10 13.18 5.32 -9.14
N SER B 11 13.16 4.66 -10.29
CA SER B 11 11.99 3.86 -10.67
C SER B 11 11.81 2.72 -9.68
N ARG B 12 12.92 2.08 -9.31
CA ARG B 12 12.86 0.95 -8.39
C ARG B 12 12.52 1.41 -6.99
N VAL B 13 12.96 2.61 -6.60
CA VAL B 13 12.56 3.19 -5.32
C VAL B 13 11.06 3.46 -5.31
N GLY B 14 10.51 3.87 -6.45
CA GLY B 14 9.07 4.04 -6.55
C GLY B 14 8.31 2.76 -6.31
N GLU B 15 8.85 1.63 -6.77
N GLU B 15 8.85 1.63 -6.77
CA GLU B 15 8.26 0.34 -6.45
CA GLU B 15 8.26 0.34 -6.45
C GLU B 15 8.23 0.12 -4.94
C GLU B 15 8.23 0.10 -4.95
N GLY B 16 9.34 0.40 -4.27
CA GLY B 16 9.37 0.21 -2.83
C GLY B 16 8.40 1.12 -2.09
N LEU B 17 8.25 2.36 -2.55
CA LEU B 17 7.27 3.24 -1.93
C LEU B 17 5.86 2.72 -2.12
N ALA B 18 5.57 2.12 -3.28
CA ALA B 18 4.26 1.50 -3.49
C ALA B 18 4.06 0.33 -2.54
N LEU B 19 5.08 -0.53 -2.41
CA LEU B 19 4.98 -1.65 -1.46
C LEU B 19 4.72 -1.14 -0.05
N ALA B 20 5.34 -0.01 0.32
CA ALA B 20 5.23 0.55 1.67
C ALA B 20 3.84 1.07 1.96
N ALA B 21 2.97 1.17 0.97
CA ALA B 21 1.59 1.56 1.26
C ALA B 21 0.92 0.59 2.22
N SER B 22 1.29 -0.68 2.17
N SER B 22 1.30 -0.69 2.17
CA SER B 22 0.71 -1.63 3.12
CA SER B 22 0.74 -1.65 3.11
C SER B 22 1.08 -1.28 4.56
C SER B 22 1.08 -1.25 4.54
N ALA B 23 2.31 -0.79 4.76
CA ALA B 23 2.71 -0.35 6.10
C ALA B 23 1.99 0.93 6.49
N ARG B 24 1.81 1.85 5.53
CA ARG B 24 1.10 3.08 5.85
C ARG B 24 -0.34 2.78 6.25
N LEU B 25 -0.98 1.83 5.56
CA LEU B 25 -2.33 1.42 5.93
C LEU B 25 -2.36 0.84 7.33
N ALA B 26 -1.41 -0.05 7.65
CA ALA B 26 -1.38 -0.66 8.98
C ALA B 26 -1.19 0.40 10.06
N VAL B 27 -0.29 1.36 9.83
CA VAL B 27 -0.11 2.41 10.85
C VAL B 27 -1.41 3.15 11.08
N ALA B 28 -2.12 3.50 9.99
CA ALA B 28 -3.37 4.24 10.14
C ALA B 28 -4.43 3.43 10.87
N GLU B 29 -4.52 2.13 10.56
N GLU B 29 -4.52 2.14 10.56
CA GLU B 29 -5.48 1.27 11.25
CA GLU B 29 -5.49 1.29 11.25
C GLU B 29 -5.18 1.15 12.73
C GLU B 29 -5.17 1.18 12.73
N ASN B 30 -3.89 1.03 13.08
CA ASN B 30 -3.52 0.94 14.48
C ASN B 30 -3.71 2.27 15.20
N ALA B 31 -3.44 3.38 14.52
CA ALA B 31 -3.68 4.68 15.14
C ALA B 31 -5.16 4.85 15.47
N ALA B 32 -6.04 4.42 14.57
CA ALA B 32 -7.47 4.59 14.80
C ALA B 32 -7.98 3.73 15.94
N SER B 33 -7.24 2.69 16.32
CA SER B 33 -7.65 1.78 17.36
C SER B 33 -6.81 1.89 18.62
N GLY B 34 -5.85 2.81 18.66
CA GLY B 34 -5.00 2.94 19.83
C GLY B 34 -4.02 1.80 20.03
N ASN B 35 -3.69 1.08 18.98
CA ASN B 35 -2.80 -0.08 19.05
C ASN B 35 -1.39 0.31 18.65
N GLY B 36 -0.42 -0.48 19.09
CA GLY B 36 0.94 -0.38 18.59
C GLY B 36 0.94 -0.31 17.07
N PHE B 37 1.80 0.54 16.50
CA PHE B 37 1.65 0.88 15.09
C PHE B 37 2.05 -0.22 14.14
N SER B 38 2.85 -1.19 14.58
CA SER B 38 3.21 -2.32 13.74
C SER B 38 2.27 -3.51 13.92
N GLY B 39 1.24 -3.36 14.76
CA GLY B 39 0.37 -4.47 15.09
C GLY B 39 -0.28 -5.09 13.87
N GLY B 40 -0.12 -6.40 13.73
CA GLY B 40 -0.74 -7.15 12.66
C GLY B 40 -0.19 -6.91 11.28
N TYR B 41 0.85 -6.09 11.15
N TYR B 41 0.97 -6.27 11.14
CA TYR B 41 1.36 -5.73 9.85
CA TYR B 41 1.60 -6.05 9.84
C TYR B 41 2.12 -6.91 9.27
C TYR B 41 2.82 -6.97 9.66
N VAL B 42 1.61 -7.45 8.18
N VAL B 42 3.08 -7.35 8.40
CA VAL B 42 2.25 -8.53 7.45
CA VAL B 42 4.27 -8.11 8.05
C VAL B 42 3.15 -7.90 6.42
C VAL B 42 4.85 -7.56 6.75
N SER B 43 4.46 -8.08 6.56
N SER B 43 6.18 -7.37 6.73
CA SER B 43 5.40 -7.45 5.64
CA SER B 43 6.88 -6.89 5.54
C SER B 43 5.27 -8.06 4.24
C SER B 43 6.48 -7.75 4.33
N PRO B 44 5.64 -7.31 3.21
N PRO B 44 6.02 -7.13 3.24
CA PRO B 44 5.59 -7.83 1.86
CA PRO B 44 5.65 -7.89 2.03
C PRO B 44 6.74 -8.78 1.62
C PRO B 44 6.82 -8.73 1.57
N PRO B 45 6.61 -9.66 0.63
CA PRO B 45 7.75 -10.49 0.20
C PRO B 45 8.89 -9.61 -0.30
N ALA B 46 10.11 -10.00 0.05
CA ALA B 46 11.29 -9.35 -0.50
C ALA B 46 11.29 -9.48 -2.02
N THR B 47 11.77 -8.45 -2.70
CA THR B 47 11.85 -8.45 -4.15
C THR B 47 13.30 -8.22 -4.58
N ARG B 48 13.53 -8.30 -5.89
CA ARG B 48 14.85 -7.97 -6.41
C ARG B 48 15.27 -6.54 -6.08
N ASN B 49 14.32 -5.66 -5.71
CA ASN B 49 14.62 -4.27 -5.41
C ASN B 49 14.47 -3.87 -3.95
N VAL B 50 13.67 -4.60 -3.17
CA VAL B 50 13.33 -4.19 -1.81
C VAL B 50 13.66 -5.32 -0.87
N GLU B 51 14.49 -5.04 0.13
CA GLU B 51 14.88 -6.04 1.10
C GLU B 51 13.82 -6.20 2.19
N SER B 52 13.32 -5.09 2.72
CA SER B 52 12.42 -5.16 3.85
C SER B 52 11.75 -3.81 4.04
N ILE B 53 10.56 -3.85 4.66
CA ILE B 53 9.82 -2.65 5.02
C ILE B 53 9.31 -2.89 6.45
N ARG B 54 9.79 -2.08 7.39
CA ARG B 54 9.54 -2.30 8.81
C ARG B 54 8.91 -1.07 9.43
N ILE B 55 8.05 -1.30 10.43
CA ILE B 55 7.34 -0.24 11.15
C ILE B 55 7.87 -0.19 12.57
N ASP B 56 8.16 1.03 13.06
CA ASP B 56 8.44 1.24 14.47
C ASP B 56 7.11 1.25 15.25
N ASP B 57 7.00 0.35 16.22
CA ASP B 57 5.75 0.17 16.94
C ASP B 57 5.38 1.38 17.79
N ASP B 58 6.34 2.21 18.17
CA ASP B 58 6.06 3.35 19.03
C ASP B 58 5.78 4.64 18.29
N THR B 59 6.29 4.80 17.06
CA THR B 59 6.15 6.04 16.32
C THR B 59 5.42 5.89 15.00
N GLY B 60 5.33 4.68 14.46
CA GLY B 60 4.78 4.51 13.13
C GLY B 60 5.72 4.83 12.01
N GLN B 61 6.96 5.25 12.29
CA GLN B 61 7.92 5.49 11.21
C GLN B 61 8.20 4.19 10.45
N ILE B 62 8.32 4.30 9.13
CA ILE B 62 8.54 3.14 8.26
C ILE B 62 9.94 3.24 7.66
N ALA B 63 10.71 2.16 7.77
CA ALA B 63 12.03 2.07 7.15
C ALA B 63 11.95 1.14 5.96
N ILE B 64 12.33 1.64 4.78
CA ILE B 64 12.37 0.85 3.57
C ILE B 64 13.83 0.62 3.22
N ALA B 65 14.24 -0.64 3.15
CA ALA B 65 15.62 -1.01 2.82
C ALA B 65 15.63 -1.58 1.41
N PHE B 66 16.43 -0.97 0.53
CA PHE B 66 16.55 -1.39 -0.86
C PHE B 66 17.75 -2.32 -1.06
N THR B 67 17.68 -3.15 -2.11
CA THR B 67 18.78 -4.05 -2.44
C THR B 67 19.87 -3.31 -3.20
N ALA B 68 20.96 -4.04 -3.49
CA ALA B 68 22.10 -3.49 -4.22
C ALA B 68 21.74 -3.11 -5.65
N ARG B 69 20.62 -3.62 -6.17
CA ARG B 69 20.11 -3.17 -7.46
C ARG B 69 19.75 -1.69 -7.44
N VAL B 70 19.53 -1.12 -6.26
CA VAL B 70 19.22 0.30 -6.11
C VAL B 70 20.41 1.08 -5.57
N ALA B 71 20.99 0.62 -4.46
CA ALA B 71 22.09 1.34 -3.84
C ALA B 71 22.89 0.37 -2.97
N ALA B 72 24.10 0.77 -2.65
CA ALA B 72 24.98 -0.09 -1.87
C ALA B 72 24.42 -0.28 -0.46
N ALA B 73 24.77 -1.42 0.12
CA ALA B 73 24.42 -1.70 1.51
C ALA B 73 24.96 -0.59 2.41
N GLY B 74 24.13 -0.11 3.32
CA GLY B 74 24.50 1.02 4.21
C GLY B 74 24.16 2.38 3.61
N ALA B 75 23.75 2.43 2.34
CA ALA B 75 23.34 3.70 1.72
C ALA B 75 22.02 3.40 1.01
N ASN B 76 21.18 2.63 1.66
CA ASN B 76 20.03 2.06 0.92
C ASN B 76 18.68 2.20 1.62
N THR B 77 18.57 3.10 2.60
N THR B 77 18.51 3.09 2.60
CA THR B 77 17.29 3.14 3.34
CA THR B 77 17.27 3.12 3.37
C THR B 77 16.58 4.50 3.29
C THR B 77 16.58 4.49 3.30
N LEU B 78 15.26 4.46 3.12
CA LEU B 78 14.42 5.64 3.20
C LEU B 78 13.57 5.49 4.45
N VAL B 79 13.19 6.61 5.07
CA VAL B 79 12.30 6.59 6.22
C VAL B 79 11.07 7.45 5.93
N LEU B 80 9.88 6.90 6.19
CA LEU B 80 8.62 7.65 6.09
C LEU B 80 8.14 7.97 7.49
N VAL B 81 7.84 9.23 7.76
CA VAL B 81 7.47 9.67 9.11
C VAL B 81 6.01 10.11 9.10
N PRO B 82 5.16 9.54 9.96
CA PRO B 82 3.77 10.01 10.06
C PRO B 82 3.61 11.06 11.14
N SER B 83 2.70 12.00 10.89
CA SER B 83 2.35 13.00 11.90
C SER B 83 0.89 13.40 11.76
N VAL B 84 0.38 14.04 12.80
CA VAL B 84 -0.97 14.60 12.81
C VAL B 84 -0.91 16.00 13.39
N PRO B 85 -1.91 16.83 13.10
CA PRO B 85 -1.99 18.12 13.79
C PRO B 85 -2.26 17.91 15.27
N ASP B 86 -1.82 18.86 16.10
CA ASP B 86 -2.20 18.79 17.50
C ASP B 86 -3.71 18.83 17.67
N GLN B 87 -4.40 19.67 16.91
N GLN B 87 -4.40 19.68 16.91
CA GLN B 87 -5.86 19.73 16.89
CA GLN B 87 -5.86 19.74 16.90
C GLN B 87 -6.31 19.87 15.45
C GLN B 87 -6.30 19.87 15.45
N ALA B 88 -7.15 18.95 14.98
CA ALA B 88 -7.50 18.93 13.57
C ALA B 88 -8.29 20.18 13.18
N ASP B 89 -9.15 20.68 14.06
CA ASP B 89 -9.96 21.83 13.69
C ASP B 89 -9.23 23.15 13.89
N THR B 90 -8.40 23.27 14.94
CA THR B 90 -7.66 24.50 15.23
C THR B 90 -6.18 24.22 15.46
N PRO B 91 -5.46 23.77 14.44
CA PRO B 91 -4.08 23.32 14.62
C PRO B 91 -3.10 24.47 14.87
N THR B 92 -2.04 24.17 15.64
CA THR B 92 -0.90 25.06 15.78
C THR B 92 0.44 24.42 15.40
N ALA B 93 0.50 23.10 15.28
CA ALA B 93 1.75 22.41 15.00
C ALA B 93 1.42 20.98 14.58
N ARG B 94 2.42 20.29 14.06
CA ARG B 94 2.34 18.86 13.81
C ARG B 94 3.05 18.11 14.92
N VAL B 95 2.53 16.93 15.25
CA VAL B 95 3.09 16.12 16.32
C VAL B 95 3.22 14.68 15.84
N ALA B 96 4.15 13.96 16.47
CA ALA B 96 4.30 12.55 16.19
C ALA B 96 3.07 11.79 16.67
N LEU B 97 2.87 10.61 16.09
CA LEU B 97 1.83 9.71 16.58
C LEU B 97 2.17 9.29 17.99
N SER B 98 1.11 8.93 18.74
N SER B 98 1.13 8.91 18.73
CA SER B 98 1.23 8.55 20.14
CA SER B 98 1.27 8.56 20.14
C SER B 98 0.57 7.20 20.31
C SER B 98 0.58 7.21 20.36
N LYS B 99 1.37 6.19 20.69
CA LYS B 99 0.82 4.86 20.86
C LYS B 99 -0.19 4.84 21.99
N GLY B 100 -1.38 4.32 21.70
CA GLY B 100 -2.43 4.21 22.68
C GLY B 100 -3.53 5.23 22.56
N VAL B 101 -3.31 6.29 21.80
CA VAL B 101 -4.33 7.31 21.58
C VAL B 101 -5.21 6.88 20.43
N ILE B 102 -6.50 7.15 20.55
CA ILE B 102 -7.44 6.94 19.44
C ILE B 102 -7.27 8.13 18.50
N GLN B 103 -6.58 7.90 17.38
CA GLN B 103 -6.30 8.97 16.40
C GLN B 103 -6.96 8.61 15.07
N ALA B 104 -8.06 9.26 14.74
CA ALA B 104 -8.81 8.92 13.54
C ALA B 104 -8.71 9.97 12.42
N GLY B 105 -7.98 11.07 12.63
CA GLY B 105 -7.85 12.07 11.60
C GLY B 105 -6.84 11.69 10.52
N THR B 106 -6.59 12.63 9.61
CA THR B 106 -5.68 12.39 8.50
C THR B 106 -4.23 12.39 9.00
N ILE B 107 -3.49 11.35 8.64
CA ILE B 107 -2.07 11.24 8.94
C ILE B 107 -1.30 11.77 7.74
N THR B 108 -0.34 12.67 7.97
CA THR B 108 0.52 13.16 6.91
C THR B 108 1.82 12.38 6.96
N TRP B 109 2.29 11.92 5.81
CA TRP B 109 3.54 11.17 5.72
C TRP B 109 4.59 12.02 5.04
N GLU B 110 5.79 12.05 5.63
CA GLU B 110 6.93 12.75 5.04
C GLU B 110 8.05 11.76 4.78
N CYS B 111 8.62 11.82 3.58
CA CYS B 111 9.69 10.93 3.17
C CYS B 111 11.04 11.61 3.39
N PHE B 112 11.99 10.86 3.95
CA PHE B 112 13.34 11.38 4.18
C PHE B 112 14.38 10.47 3.54
N ALA B 113 15.16 11.03 2.62
CA ALA B 113 16.43 10.44 2.23
C ALA B 113 17.51 10.83 3.24
N GLY B 114 18.69 10.22 3.09
CA GLY B 114 19.75 10.42 4.06
C GLY B 114 20.31 11.83 4.10
N ASP B 115 20.21 12.57 3.00
CA ASP B 115 20.76 13.92 2.93
C ASP B 115 19.69 15.00 2.99
N LYS B 116 18.48 14.65 3.40
CA LYS B 116 17.43 15.62 3.68
C LYS B 116 17.62 16.14 5.09
N ALA B 117 17.90 17.44 5.22
CA ALA B 117 18.41 17.97 6.47
C ALA B 117 17.33 18.27 7.51
N SER B 118 16.08 18.47 7.07
CA SER B 118 15.05 18.92 8.00
C SER B 118 13.69 18.57 7.41
N SER B 119 12.69 18.56 8.28
CA SER B 119 11.33 18.42 7.80
C SER B 119 10.96 19.65 6.99
N SER B 120 10.24 19.40 5.90
N SER B 120 10.31 19.41 5.86
CA SER B 120 9.85 20.44 4.95
CA SER B 120 9.86 20.49 4.97
C SER B 120 8.41 20.17 4.57
C SER B 120 8.42 20.16 4.59
N LEU B 121 7.49 20.57 5.43
CA LEU B 121 6.07 20.38 5.21
C LEU B 121 5.40 21.75 5.21
N PRO B 122 4.20 21.85 4.62
CA PRO B 122 3.45 23.12 4.66
C PRO B 122 2.91 23.41 6.05
N ALA B 123 2.21 24.53 6.20
CA ALA B 123 1.54 24.83 7.45
C ALA B 123 0.64 23.64 7.82
N PRO B 124 0.55 23.27 9.10
CA PRO B 124 1.05 24.00 10.27
C PRO B 124 2.53 23.79 10.63
N GLY B 125 3.36 23.28 9.74
CA GLY B 125 4.79 23.36 9.94
C GLY B 125 5.54 22.03 9.95
N ALA B 126 6.72 22.03 10.55
CA ALA B 126 7.58 20.85 10.51
C ALA B 126 6.95 19.65 11.21
N GLY B 127 7.17 18.48 10.63
CA GLY B 127 6.85 17.24 11.27
C GLY B 127 8.09 16.68 11.94
N PRO B 128 7.96 15.52 12.57
CA PRO B 128 9.10 14.91 13.25
C PRO B 128 10.15 14.44 12.25
N MET B 129 11.39 14.32 12.74
CA MET B 129 12.49 13.76 11.96
C MET B 129 12.57 12.25 12.16
N PRO B 130 13.19 11.53 11.23
CA PRO B 130 13.47 10.11 11.45
C PRO B 130 14.20 9.88 12.76
N THR B 131 13.77 8.85 13.49
CA THR B 131 14.43 8.49 14.74
C THR B 131 15.85 8.01 14.46
N ASP B 132 16.02 7.14 13.48
CA ASP B 132 17.32 6.74 13.00
C ASP B 132 17.53 7.32 11.60
N ALA B 133 18.77 7.63 11.27
CA ALA B 133 19.05 8.34 10.02
C ALA B 133 18.76 7.44 8.82
N PRO B 134 17.97 7.89 7.85
CA PRO B 134 17.94 7.21 6.55
C PRO B 134 19.32 7.32 5.90
N THR B 135 19.58 6.42 4.95
CA THR B 135 20.89 6.36 4.31
C THR B 135 20.88 6.44 2.78
N LEU B 136 19.72 6.32 2.12
CA LEU B 136 19.66 6.45 0.67
C LEU B 136 19.93 7.88 0.25
N ALA B 137 20.80 8.07 -0.74
CA ALA B 137 21.01 9.40 -1.28
C ALA B 137 19.77 9.91 -2.00
N GLY B 138 19.44 11.19 -1.75
CA GLY B 138 18.22 11.75 -2.31
C GLY B 138 18.14 11.72 -3.82
N LYS B 139 19.29 11.78 -4.51
CA LYS B 139 19.28 11.70 -5.96
C LYS B 139 18.69 10.38 -6.48
N LEU B 140 18.61 9.36 -5.63
CA LEU B 140 18.03 8.07 -6.02
C LEU B 140 16.57 7.94 -5.64
N ALA B 141 15.98 8.99 -5.08
CA ALA B 141 14.64 8.96 -4.53
C ALA B 141 13.78 9.98 -5.25
N PRO B 142 12.46 9.85 -5.16
CA PRO B 142 11.57 10.88 -5.71
C PRO B 142 11.82 12.22 -5.04
N PRO B 143 11.45 13.31 -5.71
CA PRO B 143 11.79 14.64 -5.18
C PRO B 143 11.27 14.92 -3.78
N GLU B 144 10.11 14.37 -3.41
CA GLU B 144 9.55 14.64 -2.08
C GLU B 144 10.40 14.09 -0.95
N CYS B 145 11.39 13.25 -1.24
CA CYS B 145 12.29 12.70 -0.23
C CYS B 145 13.58 13.49 -0.09
N ARG B 146 13.80 14.49 -0.93
CA ARG B 146 15.10 15.13 -1.03
C ARG B 146 15.22 16.37 -0.17
N ALA B 147 16.46 16.75 0.10
CA ALA B 147 16.78 18.05 0.64
C ALA B 147 16.19 19.13 -0.27
C1 GOL C . -5.66 9.14 -2.94
O1 GOL C . -4.97 9.02 -4.14
C2 GOL C . -5.21 10.45 -2.27
O2 GOL C . -4.55 11.28 -3.15
C3 GOL C . -6.50 11.07 -1.71
O3 GOL C . -6.16 12.31 -1.16
C1 GOL D . -4.74 -16.33 -23.19
O1 GOL D . -5.99 -15.76 -23.42
C2 GOL D . -4.87 -17.87 -23.15
O2 GOL D . -4.77 -18.42 -24.42
C3 GOL D . -3.73 -18.35 -22.22
O3 GOL D . -4.31 -19.05 -21.17
C1 GOL E . -12.06 -11.20 5.53
O1 GOL E . -11.00 -11.97 5.05
C2 GOL E . -11.75 -10.92 7.02
O2 GOL E . -10.98 -9.78 7.19
C3 GOL E . -13.14 -10.77 7.69
O3 GOL E . -13.57 -9.47 7.49
C1 GOL F . -7.14 7.22 4.76
O1 GOL F . -7.73 8.49 4.99
C2 GOL F . -8.03 6.08 5.20
O2 GOL F . -8.86 6.48 6.29
C3 GOL F . -7.25 4.85 5.58
O3 GOL F . -5.88 4.97 5.22
S SO4 G . 11.74 -12.09 -11.33
O1 SO4 G . 10.93 -13.08 -10.62
O2 SO4 G . 10.87 -11.23 -12.13
O3 SO4 G . 12.47 -11.28 -10.36
O4 SO4 G . 12.68 -12.78 -12.21
S SO4 H . 12.39 -4.12 -13.71
O1 SO4 H . 11.39 -5.18 -13.79
O2 SO4 H . 11.98 -3.01 -14.57
O3 SO4 H . 12.49 -3.66 -12.33
O4 SO4 H . 13.68 -4.62 -14.17
S SO4 I . -1.06 -25.89 -5.14
O1 SO4 I . -2.07 -26.73 -4.51
O2 SO4 I . -1.62 -24.58 -5.41
O3 SO4 I . 0.09 -25.75 -4.25
O4 SO4 I . -0.63 -26.50 -6.40
S SO4 J . -1.40 -18.73 -19.12
O1 SO4 J . -0.93 -20.11 -19.15
O2 SO4 J . -2.86 -18.72 -19.06
O3 SO4 J . -0.87 -18.08 -17.93
O4 SO4 J . -0.93 -18.04 -20.32
S SO4 K . 12.85 -11.31 -19.46
O1 SO4 K . 11.45 -11.07 -19.79
O2 SO4 K . 13.68 -10.34 -20.16
O3 SO4 K . 13.04 -11.16 -18.02
O4 SO4 K . 13.23 -12.66 -19.87
S SO4 L . -22.50 -8.94 -6.20
O1 SO4 L . -22.90 -8.05 -5.12
O2 SO4 L . -23.68 -9.45 -6.89
O3 SO4 L . -21.68 -8.18 -7.14
O4 SO4 L . -21.73 -10.06 -5.67
BR BR M . -2.37 -3.62 2.14
BR BR N . -8.66 0.24 4.72
BR BR O . 1.34 -18.97 -3.79
BR BR P . -6.47 4.16 -12.11
BR BR Q . 7.00 -6.81 -9.87
BR BR R . -19.40 -10.33 11.84
BR BR S . -16.15 -20.66 -6.89
C1 GOL T . -2.47 6.27 5.64
O1 GOL T . -1.60 6.06 6.74
C2 GOL T . -3.16 7.62 5.71
O2 GOL T . -2.19 8.67 5.66
C3 GOL T . -4.06 7.80 6.91
O3 GOL T . -4.59 9.11 6.98
C1 GOL U . 17.89 11.91 9.74
O1 GOL U . 18.05 13.09 9.01
C2 GOL U . 17.95 12.29 11.23
O2 GOL U . 16.72 12.28 11.85
C3 GOL U . 19.01 11.37 11.86
O3 GOL U . 18.88 11.45 13.25
S SO4 V . 12.28 15.60 15.91
O1 SO4 V . 11.03 14.85 15.89
O2 SO4 V . 12.27 16.61 14.86
O3 SO4 V . 12.41 16.27 17.20
O4 SO4 V . 13.40 14.69 15.72
S SO4 W . 20.49 -2.78 -13.50
O1 SO4 W . 19.75 -3.44 -12.43
O2 SO4 W . 19.65 -2.66 -14.69
O3 SO4 W . 20.88 -1.44 -13.06
O4 SO4 W . 21.68 -3.56 -13.81
BR BR X . 9.74 -4.32 -6.09
BR BR Y . 7.49 -4.49 11.18
BR BR Z . 26.09 9.65 -3.19
BR BR AA . 11.18 10.12 -9.37
BR BR BA . -3.63 20.39 9.73
BR BR CA . 24.78 4.10 -3.52
#